data_13GS
#
_entry.id   13GS
#
_cell.length_a   79.455
_cell.length_b   91.107
_cell.length_c   69.559
_cell.angle_alpha   90.00
_cell.angle_beta   98.44
_cell.angle_gamma   90.00
#
_symmetry.space_group_name_H-M   'C 1 2 1'
#
loop_
_entity.id
_entity.type
_entity.pdbx_description
1 polymer 'GLUTATHIONE S-TRANSFERASE'
2 non-polymer GLUTATHIONE
3 non-polymer '2-HYDROXY-(5-([4-(2-PYRIDINYLAMINO)SULFONYL]PHENYL)AZO)BENZOIC ACID'
4 non-polymer '2-(N-MORPHOLINO)-ETHANESULFONIC ACID'
5 water water
#
_entity_poly.entity_id   1
_entity_poly.type   'polypeptide(L)'
_entity_poly.pdbx_seq_one_letter_code
;MPPYTVVYFPVRGRCAALRMLLADQGQSWKEEVVTVETWQEGSLKASCLYGQLPKFQDGDLTLYQSNTILRHLGRTLGLY
GKDQQEAALVDMVNDGVEDLRCKYISLIYTNYEAGKDDYVKALPGQLKPFETLLSQNQGGKTFIVGDQISFADYNLLDLL
LIHEVLAPGCLDAFPLLSAYVGRLSARPKLKAFLASPEYVNLPINGNGKQ
;
_entity_poly.pdbx_strand_id   A,B
#
# COMPACT_ATOMS: atom_id res chain seq x y z
N MET A 1 0.19 -29.66 12.57
CA MET A 1 -0.62 -28.40 12.51
C MET A 1 -0.01 -27.44 11.48
N PRO A 2 -0.84 -26.64 10.76
CA PRO A 2 -0.34 -25.68 9.76
C PRO A 2 0.47 -24.50 10.32
N PRO A 3 1.56 -24.10 9.64
CA PRO A 3 2.30 -22.95 10.19
C PRO A 3 1.61 -21.60 9.86
N TYR A 4 0.50 -21.64 9.12
CA TYR A 4 -0.24 -20.43 8.77
C TYR A 4 -1.57 -20.36 9.48
N THR A 5 -1.90 -19.18 9.98
CA THR A 5 -3.16 -18.97 10.65
C THR A 5 -3.67 -17.58 10.22
N VAL A 6 -4.89 -17.51 9.71
CA VAL A 6 -5.44 -16.21 9.36
C VAL A 6 -6.63 -15.95 10.29
N VAL A 7 -6.59 -14.79 10.93
CA VAL A 7 -7.63 -14.36 11.87
C VAL A 7 -8.42 -13.27 11.17
N TYR A 8 -9.70 -13.50 10.94
CA TYR A 8 -10.52 -12.53 10.24
C TYR A 8 -12.01 -12.74 10.52
N PHE A 9 -12.79 -11.76 10.10
CA PHE A 9 -14.25 -11.81 10.23
C PHE A 9 -14.74 -12.83 9.22
N PRO A 10 -15.95 -13.36 9.41
CA PRO A 10 -16.44 -14.33 8.44
C PRO A 10 -16.91 -13.74 7.08
N VAL A 11 -16.02 -13.01 6.41
CA VAL A 11 -16.31 -12.42 5.09
C VAL A 11 -15.11 -12.70 4.20
N ARG A 12 -15.25 -12.53 2.89
CA ARG A 12 -14.12 -12.72 1.99
C ARG A 12 -13.24 -11.48 2.14
N GLY A 13 -13.83 -10.30 1.92
CA GLY A 13 -13.14 -9.04 2.08
C GLY A 13 -11.68 -8.99 1.68
N ARG A 14 -10.86 -8.44 2.57
CA ARG A 14 -9.43 -8.30 2.29
C ARG A 14 -8.65 -9.60 2.41
N CYS A 15 -9.31 -10.70 2.74
CA CYS A 15 -8.61 -11.98 2.87
C CYS A 15 -8.80 -12.91 1.69
N ALA A 16 -9.72 -12.57 0.79
CA ALA A 16 -10.00 -13.40 -0.37
C ALA A 16 -8.75 -13.70 -1.20
N ALA A 17 -7.98 -12.67 -1.54
CA ALA A 17 -6.78 -12.88 -2.36
C ALA A 17 -5.70 -13.76 -1.71
N LEU A 18 -5.40 -13.53 -0.43
CA LEU A 18 -4.38 -14.36 0.20
C LEU A 18 -4.85 -15.81 0.36
N ARG A 19 -6.15 -16.02 0.54
CA ARG A 19 -6.67 -17.38 0.64
C ARG A 19 -6.56 -18.06 -0.73
N MET A 20 -6.82 -17.31 -1.80
CA MET A 20 -6.71 -17.89 -3.14
C MET A 20 -5.24 -18.25 -3.40
N LEU A 21 -4.33 -17.41 -2.92
CA LEU A 21 -2.90 -17.64 -3.09
C LEU A 21 -2.48 -18.94 -2.39
N LEU A 22 -2.83 -19.05 -1.11
CA LEU A 22 -2.51 -20.24 -0.32
C LEU A 22 -3.10 -21.50 -0.93
N ALA A 23 -4.37 -21.45 -1.35
CA ALA A 23 -5.03 -22.60 -1.96
C ALA A 23 -4.35 -23.03 -3.25
N ASP A 24 -4.14 -22.08 -4.16
CA ASP A 24 -3.52 -22.39 -5.43
C ASP A 24 -2.08 -22.89 -5.28
N GLN A 25 -1.39 -22.44 -4.24
CA GLN A 25 -0.02 -22.89 -4.02
C GLN A 25 0.06 -24.20 -3.21
N GLY A 26 -1.09 -24.78 -2.90
CA GLY A 26 -1.12 -26.03 -2.15
C GLY A 26 -0.71 -25.94 -0.69
N GLN A 27 -0.87 -24.77 -0.07
CA GLN A 27 -0.51 -24.60 1.33
C GLN A 27 -1.71 -24.81 2.25
N SER A 28 -1.43 -25.26 3.47
CA SER A 28 -2.46 -25.48 4.48
C SER A 28 -2.44 -24.30 5.43
N TRP A 29 -3.60 -23.92 5.94
CA TRP A 29 -3.67 -22.83 6.90
C TRP A 29 -4.88 -23.07 7.79
N LYS A 30 -4.88 -22.40 8.93
CA LYS A 30 -5.96 -22.52 9.89
C LYS A 30 -6.70 -21.19 9.91
N GLU A 31 -8.03 -21.25 9.90
CA GLU A 31 -8.84 -20.04 9.94
C GLU A 31 -9.37 -19.84 11.36
N GLU A 32 -9.21 -18.63 11.88
CA GLU A 32 -9.72 -18.29 13.20
C GLU A 32 -10.76 -17.23 12.93
N VAL A 33 -12.03 -17.61 13.05
CA VAL A 33 -13.10 -16.69 12.79
C VAL A 33 -13.39 -15.76 13.97
N VAL A 34 -13.51 -14.47 13.67
CA VAL A 34 -13.78 -13.46 14.68
C VAL A 34 -15.18 -12.93 14.40
N THR A 35 -16.09 -13.19 15.33
CA THR A 35 -17.47 -12.76 15.20
C THR A 35 -17.57 -11.31 15.67
N VAL A 36 -18.58 -10.60 15.17
CA VAL A 36 -18.80 -9.20 15.55
C VAL A 36 -18.89 -9.06 17.06
N GLU A 37 -19.41 -10.11 17.70
CA GLU A 37 -19.55 -10.13 19.15
C GLU A 37 -18.14 -10.05 19.77
N THR A 38 -17.31 -11.03 19.43
CA THR A 38 -15.93 -11.10 19.92
C THR A 38 -15.15 -9.82 19.67
N TRP A 39 -15.33 -9.24 18.49
CA TRP A 39 -14.65 -8.00 18.12
C TRP A 39 -15.10 -6.84 19.00
N GLN A 40 -16.41 -6.71 19.18
CA GLN A 40 -16.97 -5.64 19.99
C GLN A 40 -16.64 -5.78 21.48
N GLU A 41 -16.09 -6.93 21.85
CA GLU A 41 -15.70 -7.17 23.24
C GLU A 41 -14.52 -6.25 23.57
N GLY A 42 -13.70 -5.95 22.57
CA GLY A 42 -12.58 -5.02 22.76
C GLY A 42 -11.17 -5.54 22.97
N SER A 43 -11.02 -6.68 23.63
CA SER A 43 -9.68 -7.22 23.91
C SER A 43 -8.84 -7.58 22.68
N LEU A 44 -9.43 -8.26 21.69
CA LEU A 44 -8.70 -8.63 20.48
C LEU A 44 -8.27 -7.36 19.73
N LYS A 45 -9.21 -6.44 19.56
CA LYS A 45 -8.95 -5.17 18.88
C LYS A 45 -7.75 -4.45 19.50
N ALA A 46 -7.77 -4.34 20.82
CA ALA A 46 -6.71 -3.67 21.55
C ALA A 46 -5.34 -4.33 21.39
N SER A 47 -5.30 -5.63 21.08
CA SER A 47 -4.03 -6.32 20.89
C SER A 47 -3.53 -6.25 19.43
N CYS A 48 -4.39 -5.84 18.51
CA CYS A 48 -4.02 -5.71 17.10
C CYS A 48 -3.21 -4.43 16.95
N LEU A 49 -2.05 -4.51 16.31
CA LEU A 49 -1.17 -3.36 16.13
C LEU A 49 -1.88 -2.05 15.72
N TYR A 50 -2.67 -2.08 14.65
CA TYR A 50 -3.39 -0.89 14.20
C TYR A 50 -4.89 -1.00 14.50
N GLY A 51 -5.23 -1.87 15.44
CA GLY A 51 -6.61 -2.08 15.85
C GLY A 51 -7.52 -2.68 14.78
N GLN A 52 -6.94 -3.43 13.85
CA GLN A 52 -7.71 -4.00 12.76
C GLN A 52 -7.27 -5.40 12.38
N LEU A 53 -8.16 -6.10 11.68
CA LEU A 53 -7.89 -7.45 11.16
C LEU A 53 -7.76 -7.22 9.64
N PRO A 54 -7.20 -8.19 8.90
CA PRO A 54 -6.65 -9.49 9.30
C PRO A 54 -5.36 -9.48 10.12
N LYS A 55 -5.19 -10.58 10.83
CA LYS A 55 -4.01 -10.83 11.62
C LYS A 55 -3.56 -12.14 11.01
N PHE A 56 -2.25 -12.28 10.83
CA PHE A 56 -1.72 -13.48 10.21
C PHE A 56 -0.54 -13.99 11.00
N GLN A 57 -0.41 -15.31 11.10
CA GLN A 57 0.72 -15.87 11.82
C GLN A 57 1.40 -16.88 10.94
N ASP A 58 2.71 -16.79 10.88
CA ASP A 58 3.57 -17.71 10.13
C ASP A 58 4.55 -18.13 11.23
N GLY A 59 4.27 -19.26 11.87
CA GLY A 59 5.13 -19.70 12.96
C GLY A 59 4.87 -18.69 14.06
N ASP A 60 5.92 -18.04 14.56
CA ASP A 60 5.76 -17.03 15.61
C ASP A 60 5.83 -15.60 15.07
N LEU A 61 5.82 -15.46 13.74
CA LEU A 61 5.82 -14.15 13.09
C LEU A 61 4.36 -13.76 12.96
N THR A 62 4.00 -12.64 13.59
CA THR A 62 2.63 -12.14 13.55
C THR A 62 2.63 -10.90 12.68
N LEU A 63 1.77 -10.90 11.65
CA LEU A 63 1.66 -9.79 10.73
C LEU A 63 0.26 -9.21 10.72
N TYR A 64 0.16 -7.94 10.33
CA TYR A 64 -1.11 -7.23 10.18
C TYR A 64 -0.97 -6.54 8.83
N GLN A 65 -2.10 -6.11 8.25
CA GLN A 65 -2.16 -5.42 6.94
C GLN A 65 -2.17 -6.44 5.80
N SER A 66 -3.30 -6.51 5.08
CA SER A 66 -3.44 -7.48 4.01
C SER A 66 -2.33 -7.47 2.94
N ASN A 67 -1.87 -6.29 2.53
CA ASN A 67 -0.80 -6.26 1.52
C ASN A 67 0.56 -6.67 2.07
N THR A 68 0.78 -6.49 3.37
CA THR A 68 2.03 -6.91 3.98
C THR A 68 2.04 -8.44 3.94
N ILE A 69 0.89 -9.04 4.26
CA ILE A 69 0.74 -10.49 4.25
C ILE A 69 0.96 -11.03 2.83
N LEU A 70 0.37 -10.38 1.83
CA LEU A 70 0.56 -10.80 0.44
C LEU A 70 2.02 -10.73 0.03
N ARG A 71 2.69 -9.63 0.37
CA ARG A 71 4.10 -9.48 0.02
C ARG A 71 4.99 -10.50 0.74
N HIS A 72 4.65 -10.80 1.98
CA HIS A 72 5.40 -11.78 2.74
C HIS A 72 5.30 -13.15 2.08
N LEU A 73 4.08 -13.55 1.72
CA LEU A 73 3.86 -14.83 1.06
C LEU A 73 4.52 -14.79 -0.32
N GLY A 74 4.46 -13.63 -0.98
CA GLY A 74 5.07 -13.51 -2.30
C GLY A 74 6.57 -13.73 -2.24
N ARG A 75 7.17 -13.21 -1.18
CA ARG A 75 8.59 -13.31 -0.94
C ARG A 75 9.02 -14.73 -0.54
N THR A 76 8.31 -15.32 0.43
CA THR A 76 8.66 -16.66 0.90
C THR A 76 8.30 -17.82 -0.03
N LEU A 77 7.26 -17.64 -0.85
CA LEU A 77 6.82 -18.68 -1.76
C LEU A 77 7.32 -18.49 -3.21
N GLY A 78 8.06 -17.41 -3.45
CA GLY A 78 8.59 -17.16 -4.78
C GLY A 78 7.59 -16.67 -5.82
N LEU A 79 6.70 -15.77 -5.42
CA LEU A 79 5.68 -15.20 -6.31
C LEU A 79 5.89 -13.69 -6.39
N TYR A 80 7.13 -13.28 -6.53
CA TYR A 80 7.46 -11.85 -6.55
C TYR A 80 8.33 -11.47 -7.74
N GLY A 81 8.07 -12.06 -8.91
CA GLY A 81 8.88 -11.74 -10.07
C GLY A 81 10.18 -12.52 -10.12
N LYS A 82 10.86 -12.52 -11.25
CA LYS A 82 12.11 -13.27 -11.39
C LYS A 82 13.34 -12.45 -11.03
N ASP A 83 13.19 -11.12 -11.03
CA ASP A 83 14.29 -10.22 -10.68
C ASP A 83 13.74 -8.93 -10.09
N GLN A 84 14.63 -8.00 -9.72
CA GLN A 84 14.22 -6.73 -9.12
C GLN A 84 13.33 -5.89 -10.01
N GLN A 85 13.60 -5.91 -11.31
CA GLN A 85 12.80 -5.15 -12.25
C GLN A 85 11.35 -5.66 -12.22
N GLU A 86 11.16 -6.97 -12.23
CA GLU A 86 9.81 -7.55 -12.19
C GLU A 86 9.15 -7.32 -10.84
N ALA A 87 9.93 -7.40 -9.77
CA ALA A 87 9.41 -7.19 -8.42
C ALA A 87 8.83 -5.78 -8.31
N ALA A 88 9.51 -4.80 -8.89
CA ALA A 88 9.03 -3.42 -8.86
C ALA A 88 7.72 -3.30 -9.63
N LEU A 89 7.63 -4.00 -10.76
CA LEU A 89 6.41 -3.95 -11.56
C LEU A 89 5.28 -4.68 -10.85
N VAL A 90 5.61 -5.75 -10.13
CA VAL A 90 4.59 -6.50 -9.38
C VAL A 90 4.02 -5.55 -8.30
N ASP A 91 4.90 -4.77 -7.67
CA ASP A 91 4.48 -3.81 -6.64
C ASP A 91 3.59 -2.74 -7.24
N MET A 92 3.98 -2.22 -8.41
CA MET A 92 3.21 -1.18 -9.07
C MET A 92 1.80 -1.63 -9.42
N VAL A 93 1.66 -2.90 -9.81
CA VAL A 93 0.34 -3.44 -10.14
C VAL A 93 -0.47 -3.58 -8.86
N ASN A 94 0.14 -4.13 -7.80
CA ASN A 94 -0.58 -4.29 -6.55
C ASN A 94 -1.08 -2.98 -5.95
N ASP A 95 -0.24 -1.93 -6.02
CA ASP A 95 -0.66 -0.62 -5.49
C ASP A 95 -1.85 -0.08 -6.28
N GLY A 96 -1.87 -0.36 -7.58
CA GLY A 96 -2.98 0.08 -8.41
C GLY A 96 -4.24 -0.66 -7.98
N VAL A 97 -4.11 -1.96 -7.76
CA VAL A 97 -5.24 -2.78 -7.32
C VAL A 97 -5.78 -2.24 -5.99
N GLU A 98 -4.86 -1.98 -5.07
CA GLU A 98 -5.22 -1.47 -3.74
C GLU A 98 -5.95 -0.12 -3.83
N ASP A 99 -5.52 0.75 -4.75
CA ASP A 99 -6.18 2.05 -4.93
C ASP A 99 -7.64 1.87 -5.35
N LEU A 100 -7.89 0.98 -6.31
CA LEU A 100 -9.27 0.76 -6.74
C LEU A 100 -10.04 0.00 -5.66
N ARG A 101 -9.36 -0.87 -4.91
CA ARG A 101 -10.07 -1.61 -3.85
C ARG A 101 -10.59 -0.62 -2.82
N CYS A 102 -9.80 0.41 -2.50
CA CYS A 102 -10.21 1.41 -1.51
C CYS A 102 -11.46 2.16 -1.96
N LYS A 103 -11.53 2.47 -3.25
CA LYS A 103 -12.70 3.16 -3.79
C LYS A 103 -13.93 2.24 -3.72
N TYR A 104 -13.72 0.96 -4.03
CA TYR A 104 -14.80 -0.03 -3.98
C TYR A 104 -15.35 -0.17 -2.57
N ILE A 105 -14.44 -0.26 -1.61
CA ILE A 105 -14.81 -0.39 -0.22
C ILE A 105 -15.56 0.86 0.27
N SER A 106 -15.11 2.03 -0.18
CA SER A 106 -15.76 3.28 0.19
C SER A 106 -17.19 3.26 -0.35
N LEU A 107 -17.35 2.85 -1.60
CA LEU A 107 -18.68 2.77 -2.18
C LEU A 107 -19.56 1.85 -1.34
N ILE A 108 -19.13 0.61 -1.19
CA ILE A 108 -19.86 -0.41 -0.45
C ILE A 108 -20.30 -0.03 0.96
N TYR A 109 -19.40 0.57 1.73
CA TYR A 109 -19.73 0.94 3.11
C TYR A 109 -20.16 2.40 3.34
N THR A 110 -19.71 3.31 2.49
CA THR A 110 -20.02 4.74 2.66
C THR A 110 -21.30 5.17 1.94
N ASN A 111 -21.38 4.93 0.63
CA ASN A 111 -22.58 5.33 -0.10
C ASN A 111 -22.95 4.45 -1.27
N TYR A 112 -23.34 3.22 -0.96
CA TYR A 112 -23.70 2.26 -1.98
C TYR A 112 -24.87 2.70 -2.86
N GLU A 113 -25.98 3.07 -2.22
CA GLU A 113 -27.20 3.49 -2.92
C GLU A 113 -27.02 4.70 -3.84
N ALA A 114 -26.50 5.80 -3.29
CA ALA A 114 -26.28 7.04 -4.02
C ALA A 114 -25.18 7.02 -5.08
N GLY A 115 -23.99 6.52 -4.74
CA GLY A 115 -22.87 6.51 -5.67
C GLY A 115 -22.61 5.34 -6.60
N LYS A 116 -23.42 4.30 -6.55
CA LYS A 116 -23.20 3.13 -7.39
C LYS A 116 -23.25 3.43 -8.89
N ASP A 117 -24.12 4.35 -9.29
CA ASP A 117 -24.24 4.69 -10.71
C ASP A 117 -23.00 5.41 -11.25
N ASP A 118 -22.52 6.41 -10.52
CA ASP A 118 -21.32 7.16 -10.93
C ASP A 118 -20.14 6.22 -10.95
N TYR A 119 -20.02 5.40 -9.90
CA TYR A 119 -18.95 4.42 -9.77
C TYR A 119 -18.85 3.52 -10.99
N VAL A 120 -19.97 2.90 -11.38
CA VAL A 120 -20.00 2.01 -12.54
C VAL A 120 -19.69 2.72 -13.86
N LYS A 121 -19.97 4.02 -13.92
CA LYS A 121 -19.69 4.83 -15.12
C LYS A 121 -18.18 5.10 -15.23
N ALA A 122 -17.53 5.31 -14.09
CA ALA A 122 -16.10 5.59 -14.06
C ALA A 122 -15.25 4.33 -14.14
N LEU A 123 -15.88 3.18 -13.91
CA LEU A 123 -15.17 1.89 -13.94
C LEU A 123 -14.27 1.61 -15.14
N PRO A 124 -14.79 1.77 -16.38
CA PRO A 124 -13.92 1.50 -17.54
C PRO A 124 -12.60 2.25 -17.45
N GLY A 125 -12.66 3.50 -17.01
CA GLY A 125 -11.45 4.28 -16.89
C GLY A 125 -10.48 3.71 -15.86
N GLN A 126 -11.03 3.08 -14.83
CA GLN A 126 -10.21 2.48 -13.77
C GLN A 126 -9.62 1.12 -14.16
N LEU A 127 -10.30 0.39 -15.04
CA LEU A 127 -9.82 -0.92 -15.47
C LEU A 127 -8.85 -0.87 -16.65
N LYS A 128 -8.91 0.21 -17.43
CA LYS A 128 -8.04 0.38 -18.61
C LYS A 128 -6.54 0.12 -18.35
N PRO A 129 -5.98 0.71 -17.27
CA PRO A 129 -4.55 0.49 -16.98
C PRO A 129 -4.14 -0.97 -16.92
N PHE A 130 -4.98 -1.82 -16.35
CA PHE A 130 -4.67 -3.24 -16.22
C PHE A 130 -4.72 -3.94 -17.57
N GLU A 131 -5.65 -3.50 -18.42
CA GLU A 131 -5.80 -4.03 -19.78
C GLU A 131 -4.52 -3.67 -20.55
N THR A 132 -4.04 -2.45 -20.32
CA THR A 132 -2.83 -1.95 -20.97
C THR A 132 -1.59 -2.71 -20.49
N LEU A 133 -1.48 -2.94 -19.17
CA LEU A 133 -0.34 -3.68 -18.63
C LEU A 133 -0.27 -5.08 -19.26
N LEU A 134 -1.44 -5.73 -19.32
CA LEU A 134 -1.57 -7.05 -19.90
C LEU A 134 -1.15 -7.06 -21.38
N SER A 135 -1.61 -6.07 -22.14
CA SER A 135 -1.27 -6.01 -23.57
C SER A 135 0.24 -5.86 -23.78
N GLN A 136 0.93 -5.26 -22.82
CA GLN A 136 2.37 -5.07 -22.93
C GLN A 136 3.18 -6.29 -22.50
N ASN A 137 2.53 -7.28 -21.91
CA ASN A 137 3.23 -8.48 -21.46
C ASN A 137 2.85 -9.69 -22.31
N GLN A 138 3.71 -10.01 -23.28
CA GLN A 138 3.50 -11.14 -24.19
C GLN A 138 2.06 -11.16 -24.74
N GLY A 139 1.53 -9.99 -25.03
CA GLY A 139 0.17 -9.88 -25.57
C GLY A 139 -0.98 -10.30 -24.67
N GLY A 140 -0.76 -10.25 -23.35
CA GLY A 140 -1.80 -10.62 -22.40
C GLY A 140 -2.08 -12.11 -22.32
N LYS A 141 -1.13 -12.93 -22.78
CA LYS A 141 -1.29 -14.37 -22.80
C LYS A 141 -0.86 -15.15 -21.55
N THR A 142 -0.12 -14.50 -20.64
CA THR A 142 0.30 -15.18 -19.42
C THR A 142 -0.23 -14.46 -18.16
N PHE A 143 0.66 -13.90 -17.35
CA PHE A 143 0.24 -13.25 -16.11
C PHE A 143 0.37 -11.75 -16.22
N ILE A 144 0.03 -11.04 -15.16
CA ILE A 144 0.08 -9.59 -15.19
C ILE A 144 1.51 -9.06 -15.33
N VAL A 145 2.49 -9.74 -14.75
CA VAL A 145 3.91 -9.36 -14.85
C VAL A 145 4.74 -10.62 -15.09
N GLY A 146 5.53 -10.60 -16.16
CA GLY A 146 6.39 -11.74 -16.48
C GLY A 146 5.65 -12.99 -16.94
N ASP A 147 6.33 -14.13 -16.86
CA ASP A 147 5.72 -15.39 -17.29
C ASP A 147 5.43 -16.38 -16.16
N GLN A 148 5.49 -15.91 -14.92
CA GLN A 148 5.19 -16.73 -13.75
C GLN A 148 4.16 -15.96 -12.93
N ILE A 149 3.32 -16.66 -12.19
CA ILE A 149 2.30 -16.03 -11.37
C ILE A 149 2.94 -15.31 -10.17
N SER A 150 2.35 -14.20 -9.75
CA SER A 150 2.84 -13.41 -8.63
C SER A 150 1.68 -13.13 -7.69
N PHE A 151 1.96 -12.55 -6.52
CA PHE A 151 0.88 -12.28 -5.58
C PHE A 151 -0.09 -11.24 -6.11
N ALA A 152 0.40 -10.37 -7.00
CA ALA A 152 -0.44 -9.33 -7.59
C ALA A 152 -1.52 -9.95 -8.49
N ASP A 153 -1.24 -11.10 -9.09
CA ASP A 153 -2.21 -11.77 -9.94
C ASP A 153 -3.44 -12.18 -9.09
N TYR A 154 -3.21 -12.75 -7.91
CA TYR A 154 -4.33 -13.17 -7.08
C TYR A 154 -5.11 -11.96 -6.59
N ASN A 155 -4.42 -10.87 -6.29
CA ASN A 155 -5.10 -9.69 -5.79
C ASN A 155 -5.93 -9.06 -6.92
N LEU A 156 -5.36 -8.98 -8.13
CA LEU A 156 -6.08 -8.42 -9.28
C LEU A 156 -7.26 -9.31 -9.64
N LEU A 157 -7.05 -10.64 -9.62
CA LEU A 157 -8.14 -11.56 -9.92
C LEU A 157 -9.32 -11.33 -8.98
N ASP A 158 -9.05 -11.20 -7.69
CA ASP A 158 -10.13 -10.96 -6.73
C ASP A 158 -10.85 -9.65 -7.03
N LEU A 159 -10.10 -8.58 -7.30
CA LEU A 159 -10.71 -7.30 -7.60
C LEU A 159 -11.64 -7.38 -8.82
N LEU A 160 -11.21 -8.10 -9.85
CA LEU A 160 -12.01 -8.24 -11.07
C LEU A 160 -13.27 -9.08 -10.81
N LEU A 161 -13.13 -10.16 -10.05
CA LEU A 161 -14.28 -11.01 -9.73
C LEU A 161 -15.33 -10.26 -8.90
N ILE A 162 -14.93 -9.42 -7.94
CA ILE A 162 -15.95 -8.72 -7.16
C ILE A 162 -16.59 -7.56 -7.94
N HIS A 163 -15.91 -7.06 -8.96
CA HIS A 163 -16.50 -6.01 -9.77
C HIS A 163 -17.48 -6.61 -10.76
N GLU A 164 -17.27 -7.87 -11.14
CA GLU A 164 -18.18 -8.55 -12.05
C GLU A 164 -19.50 -8.80 -11.31
N VAL A 165 -19.46 -8.87 -9.98
CA VAL A 165 -20.65 -9.07 -9.16
C VAL A 165 -21.36 -7.73 -8.98
N LEU A 166 -20.58 -6.67 -8.81
CA LEU A 166 -21.11 -5.32 -8.63
C LEU A 166 -21.72 -4.81 -9.93
N ALA A 167 -20.97 -4.96 -11.02
CA ALA A 167 -21.41 -4.50 -12.33
C ALA A 167 -21.20 -5.60 -13.37
N PRO A 168 -22.15 -6.54 -13.46
CA PRO A 168 -22.08 -7.66 -14.42
C PRO A 168 -21.77 -7.16 -15.84
N GLY A 169 -20.80 -7.79 -16.50
CA GLY A 169 -20.45 -7.39 -17.85
C GLY A 169 -19.46 -6.25 -17.98
N CYS A 170 -18.94 -5.74 -16.87
CA CYS A 170 -17.98 -4.64 -16.93
C CYS A 170 -16.68 -5.01 -17.67
N LEU A 171 -16.38 -6.30 -17.73
CA LEU A 171 -15.17 -6.78 -18.40
C LEU A 171 -15.37 -7.10 -19.88
N ASP A 172 -16.61 -6.99 -20.36
CA ASP A 172 -16.94 -7.28 -21.76
C ASP A 172 -16.14 -6.40 -22.74
N ALA A 173 -15.88 -5.15 -22.35
CA ALA A 173 -15.13 -4.20 -23.17
C ALA A 173 -13.61 -4.44 -23.10
N PHE A 174 -13.19 -5.37 -22.25
CA PHE A 174 -11.78 -5.68 -22.07
C PHE A 174 -11.42 -7.10 -22.39
N PRO A 175 -11.14 -7.39 -23.68
CA PRO A 175 -10.80 -8.74 -24.12
C PRO A 175 -9.65 -9.42 -23.36
N LEU A 176 -8.58 -8.68 -23.06
CA LEU A 176 -7.44 -9.28 -22.36
C LEU A 176 -7.76 -9.60 -20.88
N LEU A 177 -8.45 -8.68 -20.20
CA LEU A 177 -8.81 -8.91 -18.79
C LEU A 177 -9.80 -10.06 -18.72
N SER A 178 -10.75 -10.11 -19.65
CA SER A 178 -11.75 -11.19 -19.68
C SER A 178 -11.10 -12.57 -19.82
N ALA A 179 -10.16 -12.67 -20.76
CA ALA A 179 -9.46 -13.92 -20.99
C ALA A 179 -8.56 -14.30 -19.81
N TYR A 180 -7.99 -13.27 -19.18
CA TYR A 180 -7.11 -13.42 -18.02
C TYR A 180 -7.89 -14.03 -16.85
N VAL A 181 -9.09 -13.51 -16.59
CA VAL A 181 -9.93 -14.01 -15.50
C VAL A 181 -10.30 -15.48 -15.75
N GLY A 182 -10.71 -15.81 -16.96
CA GLY A 182 -11.09 -17.17 -17.28
C GLY A 182 -9.92 -18.14 -17.18
N ARG A 183 -8.75 -17.70 -17.61
CA ARG A 183 -7.55 -18.52 -17.57
C ARG A 183 -7.09 -18.80 -16.12
N LEU A 184 -7.04 -17.76 -15.29
CA LEU A 184 -6.61 -17.95 -13.91
C LEU A 184 -7.66 -18.73 -13.10
N SER A 185 -8.94 -18.48 -13.36
CA SER A 185 -10.04 -19.16 -12.68
C SER A 185 -10.07 -20.66 -12.97
N ALA A 186 -9.36 -21.06 -14.02
CA ALA A 186 -9.33 -22.47 -14.44
C ALA A 186 -8.18 -23.28 -13.86
N ARG A 187 -7.25 -22.63 -13.17
CA ARG A 187 -6.13 -23.35 -12.56
C ARG A 187 -6.77 -24.36 -11.58
N PRO A 188 -6.37 -25.64 -11.65
CA PRO A 188 -6.86 -26.76 -10.84
C PRO A 188 -7.20 -26.48 -9.37
N LYS A 189 -6.20 -26.10 -8.59
CA LYS A 189 -6.43 -25.85 -7.17
C LYS A 189 -7.29 -24.62 -6.90
N LEU A 190 -7.09 -23.57 -7.69
CA LEU A 190 -7.87 -22.34 -7.55
C LEU A 190 -9.33 -22.60 -7.87
N LYS A 191 -9.55 -23.32 -8.97
CA LYS A 191 -10.89 -23.65 -9.42
C LYS A 191 -11.64 -24.44 -8.34
N ALA A 192 -10.96 -25.43 -7.76
CA ALA A 192 -11.54 -26.25 -6.69
C ALA A 192 -11.88 -25.35 -5.50
N PHE A 193 -10.97 -24.45 -5.15
CA PHE A 193 -11.19 -23.55 -4.03
C PHE A 193 -12.36 -22.58 -4.26
N LEU A 194 -12.42 -21.96 -5.43
CA LEU A 194 -13.47 -20.99 -5.72
C LEU A 194 -14.86 -21.62 -5.75
N ALA A 195 -14.91 -22.94 -5.92
CA ALA A 195 -16.19 -23.64 -5.94
C ALA A 195 -16.55 -24.26 -4.58
N SER A 196 -15.64 -24.18 -3.61
CA SER A 196 -15.87 -24.75 -2.29
C SER A 196 -16.75 -23.94 -1.35
N PRO A 197 -17.44 -24.61 -0.40
CA PRO A 197 -18.33 -23.96 0.59
C PRO A 197 -17.59 -22.86 1.37
N GLU A 198 -16.34 -23.16 1.66
CA GLU A 198 -15.43 -22.30 2.39
C GLU A 198 -15.35 -20.90 1.76
N TYR A 199 -15.37 -20.88 0.43
CA TYR A 199 -15.32 -19.64 -0.32
C TYR A 199 -16.72 -19.15 -0.66
N VAL A 200 -17.48 -19.97 -1.39
CA VAL A 200 -18.82 -19.61 -1.84
C VAL A 200 -19.82 -19.17 -0.76
N ASN A 201 -19.81 -19.84 0.39
CA ASN A 201 -20.78 -19.49 1.44
C ASN A 201 -20.41 -18.34 2.36
N LEU A 202 -19.37 -17.61 1.99
CA LEU A 202 -18.94 -16.44 2.75
C LEU A 202 -19.39 -15.21 1.94
N PRO A 203 -19.98 -14.20 2.60
CA PRO A 203 -20.40 -13.03 1.83
C PRO A 203 -19.14 -12.22 1.44
N ILE A 204 -19.22 -11.42 0.39
CA ILE A 204 -18.07 -10.64 -0.04
C ILE A 204 -17.70 -9.57 0.98
N ASN A 205 -18.71 -8.83 1.45
CA ASN A 205 -18.53 -7.75 2.41
C ASN A 205 -19.33 -7.98 3.68
N GLY A 206 -18.99 -7.21 4.71
CA GLY A 206 -19.66 -7.31 6.00
C GLY A 206 -21.04 -6.69 6.17
N ASN A 207 -21.45 -5.83 5.23
CA ASN A 207 -22.77 -5.20 5.35
C ASN A 207 -23.81 -5.81 4.40
N GLY A 208 -23.47 -6.91 3.76
CA GLY A 208 -24.41 -7.56 2.86
C GLY A 208 -24.51 -6.98 1.45
N LYS A 209 -23.86 -5.84 1.22
CA LYS A 209 -23.92 -5.22 -0.08
C LYS A 209 -22.80 -5.79 -0.95
N GLN A 210 -23.02 -5.80 -2.25
CA GLN A 210 -22.07 -6.32 -3.22
C GLN A 210 -22.51 -5.91 -4.63
N PRO B 3 20.58 5.96 -13.14
CA PRO B 3 20.13 7.32 -13.56
C PRO B 3 18.73 7.56 -12.98
N TYR B 4 18.64 8.35 -11.92
CA TYR B 4 17.36 8.61 -11.31
C TYR B 4 16.75 9.92 -11.75
N THR B 5 15.45 9.90 -12.02
CA THR B 5 14.73 11.08 -12.41
C THR B 5 13.36 11.01 -11.72
N VAL B 6 13.01 12.05 -10.97
CA VAL B 6 11.69 12.07 -10.35
C VAL B 6 10.91 13.21 -10.99
N VAL B 7 9.72 12.86 -11.48
CA VAL B 7 8.82 13.81 -12.14
C VAL B 7 7.68 14.08 -11.16
N TYR B 8 7.54 15.33 -10.73
CA TYR B 8 6.51 15.67 -9.78
C TYR B 8 6.18 17.15 -9.79
N PHE B 9 5.11 17.50 -9.10
CA PHE B 9 4.67 18.87 -8.95
C PHE B 9 5.65 19.55 -8.01
N PRO B 10 5.73 20.89 -8.04
CA PRO B 10 6.66 21.55 -7.12
C PRO B 10 6.22 21.60 -5.65
N VAL B 11 5.93 20.43 -5.06
CA VAL B 11 5.55 20.33 -3.64
C VAL B 11 6.35 19.17 -3.04
N ARG B 12 6.38 19.07 -1.72
CA ARG B 12 7.08 17.96 -1.08
C ARG B 12 6.18 16.75 -1.24
N GLY B 13 4.95 16.87 -0.74
CA GLY B 13 3.96 15.82 -0.86
C GLY B 13 4.45 14.39 -0.74
N ARG B 14 4.01 13.54 -1.68
CA ARG B 14 4.40 12.14 -1.67
C ARG B 14 5.83 11.87 -2.11
N CYS B 15 6.59 12.91 -2.46
CA CYS B 15 7.97 12.71 -2.88
C CYS B 15 9.00 13.05 -1.81
N ALA B 16 8.55 13.66 -0.71
CA ALA B 16 9.46 14.06 0.35
C ALA B 16 10.29 12.89 0.87
N ALA B 17 9.64 11.76 1.18
CA ALA B 17 10.36 10.60 1.72
C ALA B 17 11.38 10.00 0.79
N LEU B 18 11.04 9.83 -0.49
CA LEU B 18 12.01 9.23 -1.39
C LEU B 18 13.19 10.18 -1.64
N ARG B 19 12.94 11.48 -1.61
CA ARG B 19 14.02 12.45 -1.79
C ARG B 19 14.95 12.40 -0.57
N MET B 20 14.38 12.25 0.62
CA MET B 20 15.19 12.14 1.83
C MET B 20 16.04 10.87 1.76
N LEU B 21 15.45 9.80 1.23
CA LEU B 21 16.16 8.52 1.09
C LEU B 21 17.36 8.67 0.16
N LEU B 22 17.11 9.22 -1.04
CA LEU B 22 18.17 9.42 -2.03
C LEU B 22 19.28 10.31 -1.48
N ALA B 23 18.91 11.42 -0.83
CA ALA B 23 19.89 12.34 -0.26
C ALA B 23 20.75 11.67 0.80
N ASP B 24 20.10 11.05 1.78
CA ASP B 24 20.81 10.40 2.86
C ASP B 24 21.71 9.27 2.38
N GLN B 25 21.32 8.60 1.29
CA GLN B 25 22.12 7.50 0.76
C GLN B 25 23.19 7.98 -0.21
N GLY B 26 23.31 9.31 -0.37
CA GLY B 26 24.33 9.86 -1.27
C GLY B 26 24.11 9.65 -2.76
N GLN B 27 22.86 9.48 -3.17
CA GLN B 27 22.54 9.26 -4.58
C GLN B 27 22.19 10.58 -5.27
N SER B 28 22.47 10.63 -6.58
CA SER B 28 22.18 11.80 -7.38
C SER B 28 20.90 11.51 -8.17
N TRP B 29 20.09 12.53 -8.39
CA TRP B 29 18.87 12.36 -9.16
C TRP B 29 18.56 13.67 -9.84
N LYS B 30 17.72 13.61 -10.86
CA LYS B 30 17.31 14.78 -11.60
C LYS B 30 15.82 15.02 -11.31
N GLU B 31 15.46 16.27 -11.05
CA GLU B 31 14.08 16.62 -10.78
C GLU B 31 13.47 17.24 -12.03
N GLU B 32 12.29 16.75 -12.41
CA GLU B 32 11.57 17.28 -13.56
C GLU B 32 10.30 17.84 -12.96
N VAL B 33 10.24 19.16 -12.87
CA VAL B 33 9.08 19.83 -12.30
C VAL B 33 7.91 19.94 -13.26
N VAL B 34 6.73 19.56 -12.79
CA VAL B 34 5.52 19.61 -13.58
C VAL B 34 4.64 20.70 -12.98
N THR B 35 4.43 21.76 -13.76
CA THR B 35 3.61 22.87 -13.31
C THR B 35 2.14 22.54 -13.55
N VAL B 36 1.26 23.17 -12.78
CA VAL B 36 -0.18 22.95 -12.92
C VAL B 36 -0.62 23.19 -14.36
N GLU B 37 0.07 24.11 -15.03
CA GLU B 37 -0.23 24.45 -16.42
C GLU B 37 0.03 23.21 -17.27
N THR B 38 1.26 22.70 -17.22
CA THR B 38 1.67 21.51 -17.96
C THR B 38 0.77 20.31 -17.71
N TRP B 39 0.39 20.12 -16.44
CA TRP B 39 -0.47 19.02 -16.06
C TRP B 39 -1.86 19.16 -16.67
N GLN B 40 -2.43 20.36 -16.58
CA GLN B 40 -3.76 20.62 -17.13
C GLN B 40 -3.81 20.57 -18.65
N GLU B 41 -2.62 20.50 -19.28
CA GLU B 41 -2.54 20.40 -20.72
C GLU B 41 -3.09 19.03 -21.15
N GLY B 42 -2.93 18.03 -20.29
CA GLY B 42 -3.47 16.71 -20.56
C GLY B 42 -2.58 15.60 -21.09
N SER B 43 -1.60 15.93 -21.93
CA SER B 43 -0.73 14.92 -22.52
C SER B 43 0.10 14.08 -21.53
N LEU B 44 0.73 14.73 -20.56
CA LEU B 44 1.53 14.01 -19.56
C LEU B 44 0.63 13.08 -18.75
N LYS B 45 -0.50 13.63 -18.27
CA LYS B 45 -1.47 12.85 -17.49
C LYS B 45 -1.86 11.58 -18.22
N ALA B 46 -2.23 11.74 -19.50
CA ALA B 46 -2.65 10.62 -20.33
C ALA B 46 -1.58 9.54 -20.51
N SER B 47 -0.31 9.92 -20.39
CA SER B 47 0.78 8.93 -20.53
C SER B 47 1.14 8.26 -19.20
N CYS B 48 0.66 8.80 -18.09
CA CYS B 48 0.92 8.21 -16.77
C CYS B 48 0.00 7.00 -16.61
N LEU B 49 0.57 5.86 -16.23
CA LEU B 49 -0.20 4.63 -16.07
C LEU B 49 -1.56 4.79 -15.36
N TYR B 50 -1.57 5.39 -14.17
CA TYR B 50 -2.83 5.60 -13.43
C TYR B 50 -3.25 7.07 -13.46
N GLY B 51 -2.72 7.82 -14.43
CA GLY B 51 -3.03 9.23 -14.58
C GLY B 51 -2.57 10.12 -13.45
N GLN B 52 -1.52 9.70 -12.75
CA GLN B 52 -1.02 10.47 -11.62
C GLN B 52 0.49 10.48 -11.51
N LEU B 53 1.00 11.46 -10.76
CA LEU B 53 2.43 11.60 -10.49
C LEU B 53 2.55 11.21 -9.01
N PRO B 54 3.76 10.90 -8.52
CA PRO B 54 5.07 10.89 -9.19
C PRO B 54 5.31 9.81 -10.22
N LYS B 55 6.26 10.12 -11.09
CA LYS B 55 6.71 9.21 -12.13
C LYS B 55 8.19 9.14 -11.79
N PHE B 56 8.77 7.96 -11.88
CA PHE B 56 10.17 7.79 -11.53
C PHE B 56 10.86 6.98 -12.59
N GLN B 57 12.11 7.32 -12.89
CA GLN B 57 12.85 6.56 -13.88
C GLN B 57 14.18 6.16 -13.27
N ASP B 58 14.53 4.89 -13.48
CA ASP B 58 15.78 4.31 -13.02
C ASP B 58 16.28 3.68 -14.31
N GLY B 59 17.12 4.41 -15.04
CA GLY B 59 17.59 3.90 -16.32
C GLY B 59 16.37 3.95 -17.21
N ASP B 60 15.99 2.81 -17.79
CA ASP B 60 14.82 2.77 -18.65
C ASP B 60 13.60 2.13 -17.96
N LEU B 61 13.71 1.91 -16.65
CA LEU B 61 12.63 1.38 -15.84
C LEU B 61 11.83 2.59 -15.39
N THR B 62 10.55 2.63 -15.77
CA THR B 62 9.67 3.74 -15.41
C THR B 62 8.68 3.20 -14.40
N LEU B 63 8.59 3.86 -13.25
CA LEU B 63 7.70 3.45 -12.18
C LEU B 63 6.71 4.56 -11.84
N TYR B 64 5.58 4.18 -11.24
CA TYR B 64 4.55 5.10 -10.78
C TYR B 64 4.21 4.55 -9.39
N GLN B 65 3.55 5.36 -8.58
CA GLN B 65 3.13 5.01 -7.20
C GLN B 65 4.30 5.22 -6.22
N SER B 66 4.14 6.19 -5.31
CA SER B 66 5.20 6.51 -4.37
C SER B 66 5.74 5.33 -3.55
N ASN B 67 4.87 4.45 -3.08
CA ASN B 67 5.35 3.31 -2.30
C ASN B 67 6.06 2.25 -3.14
N THR B 68 5.72 2.16 -4.43
CA THR B 68 6.39 1.22 -5.32
C THR B 68 7.83 1.73 -5.48
N ILE B 69 7.96 3.04 -5.65
CA ILE B 69 9.27 3.68 -5.80
C ILE B 69 10.11 3.47 -4.53
N LEU B 70 9.50 3.66 -3.36
CA LEU B 70 10.21 3.45 -2.09
C LEU B 70 10.68 2.01 -1.97
N ARG B 71 9.80 1.06 -2.30
CA ARG B 71 10.17 -0.36 -2.19
C ARG B 71 11.27 -0.72 -3.18
N HIS B 72 11.21 -0.14 -4.38
CA HIS B 72 12.21 -0.42 -5.38
C HIS B 72 13.58 0.06 -4.90
N LEU B 73 13.63 1.28 -4.37
CA LEU B 73 14.87 1.83 -3.86
C LEU B 73 15.31 1.02 -2.62
N GLY B 74 14.34 0.59 -1.81
CA GLY B 74 14.66 -0.20 -0.63
C GLY B 74 15.33 -1.50 -1.02
N ARG B 75 14.83 -2.10 -2.09
CA ARG B 75 15.33 -3.36 -2.60
C ARG B 75 16.71 -3.22 -3.27
N THR B 76 16.86 -2.23 -4.14
CA THR B 76 18.13 -2.04 -4.84
C THR B 76 19.26 -1.43 -4.03
N LEU B 77 18.92 -0.63 -3.02
CA LEU B 77 19.93 0.01 -2.18
C LEU B 77 20.16 -0.71 -0.84
N GLY B 78 19.42 -1.81 -0.60
CA GLY B 78 19.61 -2.57 0.62
C GLY B 78 19.04 -1.94 1.89
N LEU B 79 17.84 -1.37 1.78
CA LEU B 79 17.18 -0.73 2.92
C LEU B 79 15.85 -1.44 3.15
N TYR B 80 15.88 -2.78 3.11
CA TYR B 80 14.66 -3.56 3.27
C TYR B 80 14.80 -4.67 4.32
N GLY B 81 15.50 -4.39 5.41
CA GLY B 81 15.67 -5.39 6.45
C GLY B 81 16.81 -6.33 6.14
N LYS B 82 17.23 -7.12 7.13
CA LYS B 82 18.34 -8.05 6.92
C LYS B 82 17.90 -9.42 6.44
N ASP B 83 16.62 -9.73 6.63
CA ASP B 83 16.06 -11.02 6.20
C ASP B 83 14.57 -10.88 5.89
N GLN B 84 13.91 -11.97 5.50
CA GLN B 84 12.48 -11.93 5.16
C GLN B 84 11.59 -11.52 6.31
N GLN B 85 11.95 -11.93 7.52
CA GLN B 85 11.16 -11.58 8.68
C GLN B 85 11.18 -10.05 8.86
N GLU B 86 12.34 -9.43 8.74
CA GLU B 86 12.45 -7.97 8.88
C GLU B 86 11.78 -7.26 7.71
N ALA B 87 11.90 -7.81 6.52
CA ALA B 87 11.28 -7.22 5.33
C ALA B 87 9.77 -7.13 5.52
N ALA B 88 9.18 -8.18 6.09
CA ALA B 88 7.74 -8.20 6.33
C ALA B 88 7.36 -7.13 7.35
N LEU B 89 8.20 -6.96 8.36
CA LEU B 89 7.93 -5.96 9.37
C LEU B 89 8.11 -4.56 8.79
N VAL B 90 9.08 -4.40 7.90
CA VAL B 90 9.32 -3.10 7.26
C VAL B 90 8.05 -2.74 6.44
N ASP B 91 7.47 -3.73 5.76
CA ASP B 91 6.26 -3.54 4.97
C ASP B 91 5.08 -3.16 5.87
N MET B 92 4.95 -3.86 7.00
CA MET B 92 3.87 -3.59 7.93
C MET B 92 3.92 -2.16 8.47
N VAL B 93 5.13 -1.66 8.73
CA VAL B 93 5.27 -0.28 9.22
C VAL B 93 4.90 0.69 8.09
N ASN B 94 5.42 0.47 6.90
CA ASN B 94 5.11 1.35 5.79
C ASN B 94 3.61 1.44 5.48
N ASP B 95 2.91 0.31 5.52
CA ASP B 95 1.46 0.30 5.24
C ASP B 95 0.74 1.13 6.30
N GLY B 96 1.22 1.05 7.54
CA GLY B 96 0.62 1.83 8.61
C GLY B 96 0.84 3.31 8.35
N VAL B 97 2.05 3.67 7.93
CA VAL B 97 2.37 5.07 7.62
C VAL B 97 1.46 5.56 6.50
N GLU B 98 1.33 4.74 5.45
CA GLU B 98 0.50 5.07 4.30
C GLU B 98 -0.97 5.27 4.70
N ASP B 99 -1.47 4.46 5.64
CA ASP B 99 -2.86 4.62 6.10
C ASP B 99 -3.08 5.98 6.75
N LEU B 100 -2.15 6.39 7.62
CA LEU B 100 -2.29 7.68 8.28
C LEU B 100 -2.04 8.81 7.27
N ARG B 101 -1.14 8.58 6.32
CA ARG B 101 -0.89 9.62 5.32
C ARG B 101 -2.16 9.90 4.53
N CYS B 102 -2.93 8.86 4.20
CA CYS B 102 -4.16 9.04 3.45
C CYS B 102 -5.17 9.88 4.22
N LYS B 103 -5.25 9.68 5.54
CA LYS B 103 -6.16 10.45 6.38
C LYS B 103 -5.70 11.92 6.42
N TYR B 104 -4.39 12.12 6.51
CA TYR B 104 -3.81 13.48 6.54
C TYR B 104 -4.13 14.22 5.26
N ILE B 105 -3.93 13.53 4.13
CA ILE B 105 -4.19 14.12 2.82
C ILE B 105 -5.68 14.45 2.65
N SER B 106 -6.54 13.58 3.17
CA SER B 106 -7.98 13.80 3.10
C SER B 106 -8.31 15.06 3.89
N LEU B 107 -7.74 15.19 5.08
CA LEU B 107 -7.97 16.38 5.88
C LEU B 107 -7.55 17.62 5.11
N ILE B 108 -6.28 17.65 4.72
CA ILE B 108 -5.70 18.78 4.00
C ILE B 108 -6.47 19.26 2.77
N TYR B 109 -6.89 18.31 1.93
CA TYR B 109 -7.59 18.68 0.70
C TYR B 109 -9.12 18.61 0.74
N THR B 110 -9.68 17.76 1.60
CA THR B 110 -11.13 17.60 1.68
C THR B 110 -11.80 18.55 2.68
N ASN B 111 -11.36 18.53 3.94
CA ASN B 111 -11.98 19.41 4.93
C ASN B 111 -11.05 19.90 6.03
N TYR B 112 -10.07 20.72 5.63
CA TYR B 112 -9.10 21.24 6.57
C TYR B 112 -9.71 22.07 7.71
N GLU B 113 -10.53 23.06 7.35
CA GLU B 113 -11.18 23.96 8.31
C GLU B 113 -12.07 23.25 9.33
N ALA B 114 -13.03 22.46 8.83
CA ALA B 114 -13.98 21.74 9.68
C ALA B 114 -13.43 20.57 10.51
N GLY B 115 -12.66 19.69 9.87
CA GLY B 115 -12.13 18.53 10.58
C GLY B 115 -10.78 18.56 11.27
N LYS B 116 -10.07 19.69 11.24
CA LYS B 116 -8.75 19.76 11.86
C LYS B 116 -8.76 19.49 13.36
N ASP B 117 -9.81 19.95 14.05
CA ASP B 117 -9.89 19.74 15.49
C ASP B 117 -10.09 18.28 15.88
N ASP B 118 -11.00 17.59 15.20
CA ASP B 118 -11.25 16.16 15.47
C ASP B 118 -9.99 15.37 15.15
N TYR B 119 -9.38 15.70 14.00
CA TYR B 119 -8.17 15.04 13.54
C TYR B 119 -7.06 15.10 14.59
N VAL B 120 -6.78 16.29 15.10
CA VAL B 120 -5.73 16.46 16.11
C VAL B 120 -6.06 15.76 17.43
N LYS B 121 -7.35 15.56 17.72
CA LYS B 121 -7.79 14.87 18.93
C LYS B 121 -7.54 13.37 18.79
N ALA B 122 -7.75 12.83 17.60
CA ALA B 122 -7.56 11.40 17.33
C ALA B 122 -6.10 11.05 17.09
N LEU B 123 -5.27 12.05 16.84
CA LEU B 123 -3.85 11.82 16.55
C LEU B 123 -3.08 10.92 17.51
N PRO B 124 -3.16 11.18 18.84
CA PRO B 124 -2.42 10.31 19.77
C PRO B 124 -2.71 8.83 19.53
N GLY B 125 -3.98 8.52 19.29
CA GLY B 125 -4.35 7.14 19.04
C GLY B 125 -3.71 6.57 17.78
N GLN B 126 -3.48 7.44 16.79
CA GLN B 126 -2.87 7.04 15.53
C GLN B 126 -1.34 6.91 15.61
N LEU B 127 -0.72 7.66 16.51
CA LEU B 127 0.73 7.61 16.66
C LEU B 127 1.21 6.52 17.64
N LYS B 128 0.34 6.11 18.56
CA LYS B 128 0.68 5.07 19.55
C LYS B 128 1.33 3.80 18.97
N PRO B 129 0.76 3.23 17.89
CA PRO B 129 1.36 2.01 17.30
C PRO B 129 2.84 2.13 16.97
N PHE B 130 3.24 3.29 16.47
CA PHE B 130 4.65 3.48 16.09
C PHE B 130 5.54 3.60 17.33
N GLU B 131 4.99 4.19 18.40
CA GLU B 131 5.70 4.33 19.67
C GLU B 131 5.90 2.92 20.23
N THR B 132 4.88 2.09 20.09
CA THR B 132 4.91 0.71 20.55
C THR B 132 5.93 -0.13 19.74
N LEU B 133 5.93 0.04 18.41
CA LEU B 133 6.88 -0.70 17.57
C LEU B 133 8.31 -0.38 18.00
N LEU B 134 8.56 0.92 18.18
CA LEU B 134 9.87 1.41 18.59
C LEU B 134 10.26 0.82 19.95
N SER B 135 9.35 0.82 20.91
CA SER B 135 9.68 0.28 22.24
C SER B 135 10.04 -1.20 22.19
N GLN B 136 9.52 -1.92 21.20
CA GLN B 136 9.83 -3.34 21.07
C GLN B 136 11.12 -3.62 20.32
N ASN B 137 11.73 -2.60 19.75
CA ASN B 137 12.98 -2.79 19.01
C ASN B 137 14.15 -2.15 19.76
N GLN B 138 14.91 -2.96 20.49
CA GLN B 138 16.06 -2.49 21.27
C GLN B 138 15.73 -1.22 22.07
N GLY B 139 14.52 -1.16 22.61
CA GLY B 139 14.10 -0.01 23.40
C GLY B 139 13.96 1.32 22.69
N GLY B 140 13.72 1.28 21.37
CA GLY B 140 13.58 2.50 20.61
C GLY B 140 14.86 3.28 20.37
N LYS B 141 16.00 2.61 20.54
CA LYS B 141 17.31 3.25 20.39
C LYS B 141 17.92 3.28 19.00
N THR B 142 17.39 2.49 18.06
CA THR B 142 17.92 2.51 16.69
C THR B 142 16.86 2.92 15.67
N PHE B 143 16.46 2.00 14.80
CA PHE B 143 15.49 2.34 13.76
C PHE B 143 14.15 1.72 14.03
N ILE B 144 13.19 1.92 13.14
CA ILE B 144 11.86 1.38 13.36
C ILE B 144 11.83 -0.16 13.30
N VAL B 145 12.68 -0.76 12.45
CA VAL B 145 12.78 -2.22 12.33
C VAL B 145 14.26 -2.61 12.24
N GLY B 146 14.69 -3.49 13.15
CA GLY B 146 16.07 -3.93 13.13
C GLY B 146 17.09 -2.88 13.57
N ASP B 147 18.36 -3.11 13.21
CA ASP B 147 19.42 -2.18 13.58
C ASP B 147 20.03 -1.42 12.40
N GLN B 148 19.38 -1.48 11.24
CA GLN B 148 19.84 -0.76 10.05
C GLN B 148 18.64 0.04 9.55
N ILE B 149 18.90 1.17 8.91
CA ILE B 149 17.82 2.01 8.39
C ILE B 149 17.14 1.34 7.18
N SER B 150 15.84 1.55 7.05
CA SER B 150 15.05 0.98 5.96
C SER B 150 14.25 2.08 5.30
N PHE B 151 13.58 1.79 4.19
CA PHE B 151 12.81 2.82 3.50
C PHE B 151 11.63 3.30 4.34
N ALA B 152 11.15 2.43 5.23
CA ALA B 152 10.03 2.79 6.10
C ALA B 152 10.43 3.88 7.10
N ASP B 153 11.71 3.94 7.46
CA ASP B 153 12.19 4.96 8.40
C ASP B 153 12.02 6.35 7.77
N TYR B 154 12.41 6.48 6.50
CA TYR B 154 12.30 7.78 5.83
C TYR B 154 10.83 8.17 5.66
N ASN B 155 9.98 7.21 5.37
CA ASN B 155 8.56 7.50 5.19
C ASN B 155 7.93 7.90 6.52
N LEU B 156 8.27 7.19 7.61
CA LEU B 156 7.74 7.49 8.92
C LEU B 156 8.26 8.86 9.39
N LEU B 157 9.55 9.13 9.15
CA LEU B 157 10.13 10.41 9.53
C LEU B 157 9.35 11.56 8.88
N ASP B 158 9.10 11.45 7.57
CA ASP B 158 8.34 12.48 6.88
C ASP B 158 6.95 12.66 7.50
N LEU B 159 6.25 11.55 7.75
CA LEU B 159 4.92 11.66 8.34
C LEU B 159 4.93 12.38 9.68
N LEU B 160 5.94 12.08 10.51
CA LEU B 160 6.04 12.72 11.82
C LEU B 160 6.36 14.21 11.68
N LEU B 161 7.26 14.55 10.77
CA LEU B 161 7.65 15.95 10.57
C LEU B 161 6.47 16.80 10.07
N ILE B 162 5.64 16.26 9.17
CA ILE B 162 4.52 17.07 8.70
C ILE B 162 3.39 17.17 9.73
N HIS B 163 3.34 16.24 10.68
CA HIS B 163 2.32 16.31 11.71
C HIS B 163 2.73 17.31 12.78
N GLU B 164 4.04 17.51 12.96
CA GLU B 164 4.51 18.50 13.93
C GLU B 164 4.18 19.90 13.40
N VAL B 165 4.08 20.03 12.08
CA VAL B 165 3.74 21.31 11.48
C VAL B 165 2.23 21.53 11.62
N LEU B 166 1.46 20.46 11.44
CA LEU B 166 0.00 20.52 11.55
C LEU B 166 -0.42 20.75 13.00
N ALA B 167 0.16 19.95 13.90
CA ALA B 167 -0.16 20.02 15.32
C ALA B 167 1.13 20.07 16.14
N PRO B 168 1.73 21.26 16.30
CA PRO B 168 2.96 21.44 17.06
C PRO B 168 2.87 20.80 18.45
N GLY B 169 3.89 20.03 18.82
CA GLY B 169 3.88 19.37 20.12
C GLY B 169 3.15 18.04 20.21
N CYS B 170 2.62 17.52 19.09
CA CYS B 170 1.90 16.25 19.13
C CYS B 170 2.79 15.08 19.56
N LEU B 171 4.10 15.21 19.37
CA LEU B 171 5.05 14.17 19.74
C LEU B 171 5.57 14.28 21.18
N ASP B 172 5.17 15.32 21.90
CA ASP B 172 5.60 15.54 23.28
C ASP B 172 5.22 14.36 24.20
N ALA B 173 4.07 13.76 23.95
CA ALA B 173 3.59 12.62 24.74
C ALA B 173 4.27 11.30 24.35
N PHE B 174 5.09 11.34 23.31
CA PHE B 174 5.78 10.14 22.83
C PHE B 174 7.29 10.25 22.88
N PRO B 175 7.88 9.91 24.03
CA PRO B 175 9.32 9.98 24.22
C PRO B 175 10.18 9.25 23.18
N LEU B 176 9.76 8.06 22.77
CA LEU B 176 10.55 7.30 21.80
C LEU B 176 10.47 7.90 20.39
N LEU B 177 9.28 8.33 19.96
CA LEU B 177 9.11 8.92 18.64
C LEU B 177 9.87 10.25 18.61
N SER B 178 9.78 11.03 19.68
CA SER B 178 10.47 12.31 19.76
C SER B 178 11.98 12.16 19.60
N ALA B 179 12.56 11.19 20.31
CA ALA B 179 13.99 10.94 20.24
C ALA B 179 14.38 10.41 18.86
N TYR B 180 13.51 9.59 18.30
CA TYR B 180 13.69 8.99 16.98
C TYR B 180 13.79 10.08 15.91
N VAL B 181 12.89 11.06 15.95
CA VAL B 181 12.90 12.15 14.98
C VAL B 181 14.19 12.97 15.09
N GLY B 182 14.59 13.30 16.32
CA GLY B 182 15.81 14.06 16.51
C GLY B 182 17.05 13.33 16.05
N ARG B 183 17.09 12.02 16.32
CA ARG B 183 18.22 11.19 15.93
C ARG B 183 18.35 11.06 14.41
N LEU B 184 17.25 10.77 13.73
CA LEU B 184 17.30 10.62 12.28
C LEU B 184 17.54 11.97 11.58
N SER B 185 16.96 13.04 12.12
CA SER B 185 17.12 14.40 11.58
C SER B 185 18.56 14.89 11.67
N ALA B 186 19.36 14.22 12.50
CA ALA B 186 20.75 14.61 12.71
C ALA B 186 21.77 13.89 11.83
N ARG B 187 21.33 12.90 11.07
CA ARG B 187 22.23 12.20 10.16
C ARG B 187 22.79 13.26 9.20
N PRO B 188 24.12 13.31 9.02
CA PRO B 188 24.84 14.27 8.17
C PRO B 188 24.20 14.69 6.85
N LYS B 189 24.04 13.73 5.94
CA LYS B 189 23.45 14.05 4.64
C LYS B 189 21.98 14.48 4.72
N LEU B 190 21.22 13.82 5.59
CA LEU B 190 19.81 14.15 5.76
C LEU B 190 19.66 15.55 6.31
N LYS B 191 20.46 15.85 7.33
CA LYS B 191 20.44 17.17 7.98
C LYS B 191 20.75 18.28 6.97
N ALA B 192 21.74 18.04 6.12
CA ALA B 192 22.13 19.00 5.09
C ALA B 192 20.95 19.18 4.12
N PHE B 193 20.35 18.07 3.72
CA PHE B 193 19.22 18.12 2.80
C PHE B 193 18.00 18.84 3.37
N LEU B 194 17.62 18.52 4.61
CA LEU B 194 16.44 19.14 5.21
C LEU B 194 16.60 20.64 5.42
N ALA B 195 17.85 21.12 5.43
CA ALA B 195 18.09 22.54 5.59
C ALA B 195 18.31 23.27 4.26
N SER B 196 18.32 22.53 3.15
CA SER B 196 18.55 23.12 1.83
C SER B 196 17.33 23.79 1.19
N PRO B 197 17.56 24.78 0.30
CA PRO B 197 16.49 25.52 -0.40
C PRO B 197 15.56 24.57 -1.15
N GLU B 198 16.17 23.55 -1.72
CA GLU B 198 15.52 22.50 -2.48
C GLU B 198 14.36 21.88 -1.70
N TYR B 199 14.59 21.70 -0.40
CA TYR B 199 13.59 21.13 0.49
C TYR B 199 12.76 22.22 1.18
N VAL B 200 13.42 23.11 1.89
CA VAL B 200 12.75 24.18 2.64
C VAL B 200 11.83 25.09 1.85
N ASN B 201 12.23 25.47 0.64
CA ASN B 201 11.41 26.40 -0.16
C ASN B 201 10.29 25.79 -0.98
N LEU B 202 9.99 24.51 -0.73
CA LEU B 202 8.91 23.81 -1.39
C LEU B 202 7.77 23.71 -0.36
N PRO B 203 6.52 24.01 -0.76
CA PRO B 203 5.44 23.89 0.22
C PRO B 203 5.15 22.40 0.47
N ILE B 204 4.57 22.07 1.62
CA ILE B 204 4.30 20.67 1.92
C ILE B 204 3.23 20.09 1.00
N ASN B 205 2.14 20.85 0.84
CA ASN B 205 1.01 20.43 0.00
C ASN B 205 0.72 21.43 -1.12
N GLY B 206 -0.08 20.99 -2.08
CA GLY B 206 -0.43 21.83 -3.22
C GLY B 206 -1.47 22.91 -3.04
N ASN B 207 -2.21 22.88 -1.93
CA ASN B 207 -3.25 23.91 -1.71
C ASN B 207 -2.84 24.95 -0.68
N GLY B 208 -1.57 24.93 -0.26
CA GLY B 208 -1.09 25.90 0.71
C GLY B 208 -1.40 25.60 2.16
N LYS B 209 -2.23 24.59 2.41
CA LYS B 209 -2.57 24.25 3.78
C LYS B 209 -1.52 23.28 4.34
N GLN B 210 -1.34 23.33 5.65
CA GLN B 210 -0.38 22.48 6.34
C GLN B 210 -0.64 22.55 7.85
#